data_3JRS
#
_entry.id   3JRS
#
_cell.length_a   97.730
_cell.length_b   97.730
_cell.length_c   135.270
_cell.angle_alpha   90.00
_cell.angle_beta   90.00
_cell.angle_gamma   90.00
#
_symmetry.space_group_name_H-M   'P 41 21 2'
#
loop_
_entity.id
_entity.type
_entity.pdbx_description
1 polymer 'Putative uncharacterized protein At5g46790'
2 non-polymer '(2Z,4E)-5-[(1S)-1-hydroxy-2,6,6-trimethyl-4-oxocyclohex-2-en-1-yl]-3-methylpenta-2,4-dienoic acid'
3 water water
#
_entity_poly.entity_id   1
_entity_poly.type   'polypeptide(L)'
_entity_poly.pdbx_seq_one_letter_code
;GSHMSSPVNEEENSQRISTLHHQTMPSDLTQDEFTQLSQSIAEFHTYQLGNGRCSSLLAQRIHAPPETVWSVVRRFDRPQ
IYKHFIKSCNVSEDFEMRVGCTRDVNVISGLPANTSRERLDLLDDDRRVTGFSITGGEHRLRNYKSVTTVHRFEKEEEEE
RIWTVVLESYVVDVPEGNSEEDTRLFADTVIRLNLQKLASITEAMNRN
;
_entity_poly.pdbx_strand_id   A,B,C
#
loop_
_chem_comp.id
_chem_comp.type
_chem_comp.name
_chem_comp.formula
A8S non-polymer '(2Z,4E)-5-[(1S)-1-hydroxy-2,6,6-trimethyl-4-oxocyclohex-2-en-1-yl]-3-methylpenta-2,4-dienoic acid' 'C15 H20 O4'
#
# COMPACT_ATOMS: atom_id res chain seq x y z
N ASP A 28 -15.34 4.02 -1.67
CA ASP A 28 -16.28 3.16 -0.88
C ASP A 28 -17.77 2.96 -1.44
N LEU A 29 -18.73 3.73 -0.92
CA LEU A 29 -20.13 3.69 -1.42
C LEU A 29 -20.24 4.14 -2.88
N THR A 30 -21.05 3.45 -3.69
CA THR A 30 -21.31 3.93 -5.05
C THR A 30 -22.19 5.21 -5.01
N GLN A 31 -22.22 5.95 -6.12
CA GLN A 31 -23.16 7.05 -6.32
C GLN A 31 -24.61 6.59 -6.07
N ASP A 32 -24.99 5.43 -6.62
CA ASP A 32 -26.37 4.99 -6.47
C ASP A 32 -26.63 4.65 -5.02
N GLU A 33 -25.66 4.02 -4.36
CA GLU A 33 -25.78 3.79 -2.92
C GLU A 33 -25.85 5.09 -2.10
N PHE A 34 -24.92 6.04 -2.33
CA PHE A 34 -25.05 7.35 -1.67
C PHE A 34 -26.42 8.04 -1.72
N THR A 35 -26.91 8.19 -2.93
CA THR A 35 -28.17 8.85 -3.24
C THR A 35 -29.28 8.20 -2.49
N GLN A 36 -29.33 6.88 -2.64
CA GLN A 36 -30.37 6.18 -1.97
C GLN A 36 -30.27 6.36 -0.44
N LEU A 37 -29.04 6.55 0.06
CA LEU A 37 -28.71 6.54 1.51
C LEU A 37 -28.58 7.97 2.12
N SER A 38 -28.81 8.99 1.28
CA SER A 38 -28.58 10.42 1.61
C SER A 38 -29.31 10.96 2.87
N GLN A 39 -30.63 10.82 2.89
CA GLN A 39 -31.35 11.35 4.06
C GLN A 39 -30.99 10.58 5.35
N SER A 40 -30.80 9.25 5.29
CA SER A 40 -30.37 8.46 6.47
C SER A 40 -29.02 9.00 7.00
N ILE A 41 -28.10 9.26 6.10
CA ILE A 41 -26.81 9.79 6.51
C ILE A 41 -26.95 11.19 7.16
N ALA A 42 -27.72 12.09 6.55
CA ALA A 42 -28.03 13.39 7.17
C ALA A 42 -28.70 13.20 8.55
N GLU A 43 -29.67 12.32 8.63
CA GLU A 43 -30.40 12.11 9.85
C GLU A 43 -29.61 11.44 11.01
N PHE A 44 -28.79 10.42 10.70
CA PHE A 44 -28.15 9.61 11.76
C PHE A 44 -26.67 9.65 11.74
N HIS A 45 -26.07 10.04 10.61
CA HIS A 45 -24.61 9.85 10.54
C HIS A 45 -23.80 11.08 10.21
N THR A 46 -24.33 12.29 10.38
CA THR A 46 -23.56 13.49 10.15
C THR A 46 -23.40 14.28 11.42
N TYR A 47 -22.26 14.89 11.63
CA TYR A 47 -21.94 15.48 12.90
C TYR A 47 -21.30 16.81 12.65
N GLN A 48 -21.44 17.76 13.56
CA GLN A 48 -20.68 18.98 13.40
C GLN A 48 -20.04 19.24 14.75
N LEU A 49 -18.77 18.89 14.88
CA LEU A 49 -18.15 18.84 16.18
C LEU A 49 -17.16 19.95 16.51
N GLY A 50 -17.00 20.28 17.79
CA GLY A 50 -15.90 21.12 18.31
C GLY A 50 -14.63 20.29 18.41
N ASN A 51 -13.49 20.92 18.67
CA ASN A 51 -12.24 20.16 18.79
C ASN A 51 -12.30 19.21 20.00
N GLY A 52 -11.38 18.27 20.09
CA GLY A 52 -11.36 17.37 21.22
C GLY A 52 -12.36 16.25 21.07
N ARG A 53 -13.00 16.13 19.89
CA ARG A 53 -13.91 15.05 19.55
C ARG A 53 -13.81 14.72 18.09
N CYS A 54 -14.12 13.48 17.75
CA CYS A 54 -13.96 12.98 16.37
C CYS A 54 -15.03 11.95 15.98
N SER A 55 -15.25 11.81 14.67
CA SER A 55 -16.26 10.85 14.17
C SER A 55 -15.87 10.26 12.88
N SER A 56 -16.49 9.13 12.57
CA SER A 56 -16.31 8.60 11.26
C SER A 56 -17.56 7.80 10.91
N LEU A 57 -17.76 7.47 9.63
CA LEU A 57 -18.89 6.66 9.22
C LEU A 57 -18.31 5.50 8.48
N LEU A 58 -18.77 4.26 8.68
CA LEU A 58 -18.21 3.10 7.95
C LEU A 58 -19.38 2.36 7.28
N ALA A 59 -19.18 1.68 6.15
CA ALA A 59 -20.31 1.00 5.49
C ALA A 59 -19.92 -0.44 5.20
N GLN A 60 -20.87 -1.39 5.27
CA GLN A 60 -20.58 -2.81 4.94
C GLN A 60 -21.73 -3.30 4.08
N ARG A 61 -21.41 -3.94 2.94
CA ARG A 61 -22.47 -4.54 2.12
C ARG A 61 -22.61 -5.96 2.50
N ILE A 62 -23.83 -6.45 2.57
CA ILE A 62 -24.07 -7.81 3.02
C ILE A 62 -25.02 -8.41 2.06
N HIS A 63 -24.70 -9.61 1.62
CA HIS A 63 -25.49 -10.23 0.60
C HIS A 63 -26.51 -11.12 1.33
N ALA A 64 -27.53 -10.47 1.92
CA ALA A 64 -28.51 -11.16 2.77
C ALA A 64 -29.65 -10.20 2.95
N PRO A 65 -30.86 -10.70 3.26
CA PRO A 65 -32.01 -9.81 3.41
C PRO A 65 -31.86 -8.82 4.63
N PRO A 66 -32.40 -7.57 4.52
CA PRO A 66 -32.19 -6.67 5.64
C PRO A 66 -32.97 -7.15 6.91
N GLU A 67 -34.04 -7.94 6.73
CA GLU A 67 -34.69 -8.56 7.91
C GLU A 67 -33.70 -9.43 8.72
N THR A 68 -32.85 -10.15 7.98
CA THR A 68 -31.88 -11.09 8.58
C THR A 68 -30.80 -10.29 9.30
N VAL A 69 -30.23 -9.33 8.61
CA VAL A 69 -29.16 -8.47 9.19
C VAL A 69 -29.69 -7.77 10.45
N TRP A 70 -30.89 -7.22 10.37
CA TRP A 70 -31.42 -6.39 11.47
C TRP A 70 -31.69 -7.29 12.68
N SER A 71 -32.11 -8.52 12.46
CA SER A 71 -32.41 -9.46 13.56
C SER A 71 -31.19 -9.68 14.45
N VAL A 72 -29.99 -9.58 13.88
CA VAL A 72 -28.73 -9.62 14.70
C VAL A 72 -28.24 -8.27 15.24
N VAL A 73 -28.31 -7.23 14.39
CA VAL A 73 -27.97 -5.85 14.75
C VAL A 73 -28.75 -5.39 15.96
N ARG A 74 -29.99 -5.77 16.05
CA ARG A 74 -30.79 -5.19 17.12
C ARG A 74 -30.62 -5.96 18.43
N ARG A 75 -29.89 -7.10 18.44
CA ARG A 75 -29.85 -7.91 19.68
C ARG A 75 -28.81 -7.36 20.69
N PHE A 76 -29.28 -6.36 21.40
CA PHE A 76 -28.42 -5.57 22.30
C PHE A 76 -27.85 -6.42 23.40
N ASP A 77 -28.54 -7.49 23.78
CA ASP A 77 -28.04 -8.38 24.82
C ASP A 77 -26.95 -9.35 24.35
N ARG A 78 -26.65 -9.43 23.06
CA ARG A 78 -25.71 -10.46 22.61
C ARG A 78 -24.79 -9.90 21.55
N PRO A 79 -24.15 -8.73 21.82
CA PRO A 79 -23.23 -8.26 20.80
C PRO A 79 -22.09 -9.23 20.44
N GLN A 80 -21.74 -10.16 21.32
CA GLN A 80 -20.59 -11.07 21.11
C GLN A 80 -20.92 -12.03 19.97
N ILE A 81 -22.18 -12.12 19.55
CA ILE A 81 -22.51 -12.94 18.34
C ILE A 81 -21.71 -12.45 17.10
N TYR A 82 -21.43 -11.13 16.99
CA TYR A 82 -20.63 -10.60 15.85
C TYR A 82 -19.42 -9.73 16.17
N LYS A 83 -19.32 -9.31 17.43
CA LYS A 83 -18.21 -8.45 17.82
C LYS A 83 -17.02 -9.29 18.33
N HIS A 84 -15.98 -9.38 17.54
CA HIS A 84 -14.86 -10.30 17.74
C HIS A 84 -14.19 -10.21 19.14
N PHE A 85 -14.03 -9.00 19.65
CA PHE A 85 -13.17 -8.75 20.80
C PHE A 85 -13.94 -8.86 22.12
N ILE A 86 -15.24 -9.17 22.02
CA ILE A 86 -16.05 -9.32 23.21
C ILE A 86 -16.04 -10.74 23.67
N LYS A 87 -15.48 -10.95 24.85
CA LYS A 87 -15.51 -12.28 25.46
C LYS A 87 -16.84 -12.70 26.10
N SER A 88 -17.56 -11.74 26.69
CA SER A 88 -18.85 -12.00 27.33
C SER A 88 -19.68 -10.71 27.47
N CYS A 89 -20.99 -10.88 27.60
CA CYS A 89 -21.88 -9.74 27.77
C CYS A 89 -22.93 -10.10 28.81
N ASN A 90 -23.06 -9.24 29.84
CA ASN A 90 -24.03 -9.48 30.95
C ASN A 90 -25.08 -8.45 30.99
N VAL A 91 -26.30 -8.91 31.21
CA VAL A 91 -27.44 -8.03 31.29
C VAL A 91 -28.18 -8.39 32.57
N SER A 92 -29.06 -7.49 33.00
CA SER A 92 -29.85 -7.67 34.22
C SER A 92 -30.70 -8.94 34.14
N GLU A 93 -31.10 -9.51 35.28
CA GLU A 93 -31.98 -10.69 35.35
C GLU A 93 -33.36 -10.29 34.87
N ASP A 94 -33.68 -9.01 35.07
CA ASP A 94 -34.93 -8.45 34.56
C ASP A 94 -34.80 -7.72 33.23
N PHE A 95 -33.80 -8.07 32.42
CA PHE A 95 -33.52 -7.36 31.16
C PHE A 95 -34.76 -7.24 30.27
N GLU A 96 -35.01 -6.03 29.74
CA GLU A 96 -36.04 -5.89 28.74
C GLU A 96 -35.46 -5.07 27.66
N MET A 97 -35.77 -5.41 26.41
CA MET A 97 -35.19 -4.67 25.30
C MET A 97 -35.95 -3.35 25.05
N ARG A 98 -35.42 -2.27 25.58
CA ARG A 98 -36.09 -1.00 25.73
C ARG A 98 -34.99 0.06 25.82
N VAL A 99 -35.13 1.15 25.08
CA VAL A 99 -34.24 2.25 25.20
C VAL A 99 -33.93 2.47 26.69
N GLY A 100 -32.66 2.54 27.03
CA GLY A 100 -32.23 2.85 28.39
C GLY A 100 -31.74 1.61 29.11
N CYS A 101 -31.99 0.44 28.55
CA CYS A 101 -31.44 -0.77 29.15
C CYS A 101 -29.92 -0.73 28.94
N THR A 102 -29.21 -1.46 29.77
CA THR A 102 -27.76 -1.43 29.78
C THR A 102 -27.16 -2.81 29.66
N ARG A 103 -25.87 -2.85 29.32
CA ARG A 103 -25.22 -4.13 29.30
C ARG A 103 -23.80 -3.93 29.78
N ASP A 104 -23.19 -4.99 30.29
CA ASP A 104 -21.79 -4.96 30.64
C ASP A 104 -21.00 -5.88 29.76
N VAL A 105 -20.06 -5.34 29.04
CA VAL A 105 -19.31 -6.23 28.15
C VAL A 105 -17.91 -6.45 28.68
N ASN A 106 -17.38 -7.68 28.58
CA ASN A 106 -16.00 -7.95 28.98
C ASN A 106 -15.17 -8.32 27.74
N VAL A 107 -14.02 -7.65 27.60
CA VAL A 107 -13.20 -7.71 26.44
C VAL A 107 -12.35 -9.00 26.61
N ILE A 108 -12.02 -9.69 25.52
CA ILE A 108 -10.99 -10.79 25.58
C ILE A 108 -9.67 -10.30 26.23
N SER A 109 -8.80 -11.21 26.70
CA SER A 109 -7.57 -10.86 27.39
C SER A 109 -6.52 -10.17 26.53
N GLY A 110 -5.66 -9.36 27.17
CA GLY A 110 -4.43 -8.96 26.50
C GLY A 110 -4.57 -7.62 25.82
N LEU A 111 -5.78 -7.05 25.87
CA LEU A 111 -6.06 -5.83 25.15
C LEU A 111 -5.86 -4.55 25.98
N PRO A 112 -5.75 -3.37 25.32
CA PRO A 112 -5.65 -2.14 26.12
C PRO A 112 -6.95 -1.78 26.91
N ALA A 113 -7.99 -2.62 26.90
CA ALA A 113 -9.20 -2.35 27.68
C ALA A 113 -9.69 -3.70 28.24
N ASN A 114 -10.45 -3.65 29.35
CA ASN A 114 -11.04 -4.85 29.98
C ASN A 114 -12.56 -4.95 29.96
N THR A 115 -13.26 -3.81 30.06
CA THR A 115 -14.71 -3.79 30.27
C THR A 115 -15.30 -2.51 29.64
N SER A 116 -16.59 -2.54 29.32
CA SER A 116 -17.31 -1.35 28.81
C SER A 116 -18.72 -1.44 29.35
N ARG A 117 -19.24 -0.32 29.81
CA ARG A 117 -20.62 -0.31 30.29
C ARG A 117 -21.42 0.52 29.28
N GLU A 118 -22.48 -0.09 28.70
CA GLU A 118 -23.10 0.49 27.49
C GLU A 118 -24.59 0.63 27.68
N ARG A 119 -25.16 1.68 27.10
CA ARG A 119 -26.58 1.98 27.22
C ARG A 119 -27.26 1.96 25.85
N LEU A 120 -28.43 1.37 25.70
CA LEU A 120 -29.09 1.36 24.36
C LEU A 120 -29.77 2.74 24.17
N ASP A 121 -29.48 3.47 23.10
CA ASP A 121 -30.04 4.82 22.88
C ASP A 121 -31.21 4.80 21.84
N LEU A 122 -31.22 3.82 20.94
CA LEU A 122 -32.19 3.76 19.82
C LEU A 122 -32.51 2.34 19.55
N LEU A 123 -33.77 2.11 19.27
CA LEU A 123 -34.22 0.75 18.85
C LEU A 123 -35.43 0.95 17.94
N ASP A 124 -35.24 1.18 16.67
CA ASP A 124 -36.43 1.48 15.84
C ASP A 124 -36.66 0.28 14.93
N ASP A 125 -37.68 -0.52 15.26
CA ASP A 125 -37.95 -1.73 14.43
C ASP A 125 -38.60 -1.47 13.09
N ASP A 126 -39.01 -0.24 12.84
CA ASP A 126 -39.54 0.14 11.47
C ASP A 126 -38.37 0.52 10.58
N ARG A 127 -37.67 1.58 10.97
CA ARG A 127 -36.52 2.06 10.24
C ARG A 127 -35.29 1.20 10.35
N ARG A 128 -35.19 0.28 11.31
CA ARG A 128 -33.96 -0.56 11.46
C ARG A 128 -32.78 0.28 11.85
N VAL A 129 -32.98 0.99 12.95
CA VAL A 129 -31.98 1.93 13.43
C VAL A 129 -31.70 1.50 14.84
N THR A 130 -30.44 1.34 15.20
CA THR A 130 -30.13 1.21 16.60
C THR A 130 -28.88 2.08 16.97
N GLY A 131 -28.61 2.26 18.26
CA GLY A 131 -27.40 2.88 18.69
C GLY A 131 -27.14 2.74 20.17
N PHE A 132 -25.88 2.98 20.59
CA PHE A 132 -25.62 2.88 22.01
C PHE A 132 -24.57 3.86 22.43
N SER A 133 -24.44 4.04 23.74
CA SER A 133 -23.42 4.96 24.25
C SER A 133 -22.59 4.17 25.25
N ILE A 134 -21.30 4.49 25.34
CA ILE A 134 -20.45 3.88 26.34
C ILE A 134 -20.42 4.81 27.51
N THR A 135 -21.02 4.44 28.66
CA THR A 135 -21.10 5.38 29.75
C THR A 135 -19.97 5.12 30.72
N GLY A 136 -19.27 3.99 30.64
CA GLY A 136 -18.16 3.81 31.61
C GLY A 136 -17.35 2.57 31.33
N GLY A 137 -16.51 2.19 32.26
CA GLY A 137 -15.71 0.96 32.08
C GLY A 137 -14.21 1.15 31.92
N GLU A 138 -13.47 0.04 31.87
CA GLU A 138 -11.99 0.13 31.78
C GLU A 138 -11.47 0.20 30.33
N HIS A 139 -11.26 1.43 29.79
CA HIS A 139 -10.95 1.65 28.35
C HIS A 139 -10.70 3.13 28.14
N ARG A 140 -10.37 3.58 26.94
CA ARG A 140 -10.16 5.03 26.74
C ARG A 140 -11.00 5.61 25.62
N LEU A 141 -12.23 5.16 25.52
CA LEU A 141 -13.10 5.67 24.47
C LEU A 141 -14.19 6.37 25.17
N ARG A 142 -13.83 7.53 25.73
CA ARG A 142 -14.75 8.38 26.50
C ARG A 142 -15.82 9.15 25.74
N ASN A 143 -17.05 9.10 26.28
CA ASN A 143 -18.22 9.67 25.59
C ASN A 143 -18.44 9.10 24.17
N TYR A 144 -18.10 7.83 23.98
CA TYR A 144 -18.35 7.16 22.71
C TYR A 144 -19.83 6.94 22.53
N LYS A 145 -20.32 7.23 21.34
CA LYS A 145 -21.73 6.94 20.98
C LYS A 145 -21.76 6.56 19.51
N SER A 146 -22.41 5.45 19.19
CA SER A 146 -22.54 5.05 17.83
C SER A 146 -23.97 4.79 17.44
N VAL A 147 -24.21 4.85 16.14
CA VAL A 147 -25.57 4.60 15.53
C VAL A 147 -25.36 3.67 14.36
N THR A 148 -26.19 2.61 14.29
CA THR A 148 -26.09 1.60 13.26
C THR A 148 -27.40 1.53 12.57
N THR A 149 -27.33 1.67 11.27
CA THR A 149 -28.56 1.62 10.49
C THR A 149 -28.49 0.54 9.40
N VAL A 150 -29.65 -0.07 9.11
CA VAL A 150 -29.73 -1.21 8.14
C VAL A 150 -30.58 -0.84 6.90
N HIS A 151 -30.08 -1.09 5.68
CA HIS A 151 -30.74 -0.57 4.45
C HIS A 151 -30.92 -1.60 3.38
N ARG A 152 -32.10 -1.60 2.79
CA ARG A 152 -32.48 -2.54 1.71
C ARG A 152 -32.02 -1.96 0.40
N PHE A 153 -31.45 -2.85 -0.41
CA PHE A 153 -31.03 -2.57 -1.74
C PHE A 153 -31.53 -3.70 -2.61
N GLU A 154 -31.96 -3.35 -3.79
CA GLU A 154 -32.45 -4.34 -4.75
C GLU A 154 -31.56 -4.36 -5.99
N LYS A 155 -30.86 -5.48 -6.25
CA LYS A 155 -30.04 -5.54 -7.46
C LYS A 155 -30.92 -5.54 -8.74
N ARG A 161 -32.45 -9.63 -6.79
CA ARG A 161 -31.70 -10.07 -5.56
C ARG A 161 -31.61 -8.99 -4.41
N ILE A 162 -31.99 -9.46 -3.25
CA ILE A 162 -32.04 -8.59 -2.16
C ILE A 162 -30.66 -8.60 -1.45
N TRP A 163 -30.13 -7.40 -1.23
CA TRP A 163 -28.95 -7.21 -0.34
C TRP A 163 -29.14 -6.02 0.58
N THR A 164 -28.18 -5.88 1.49
CA THR A 164 -28.30 -4.98 2.57
C THR A 164 -27.05 -4.15 2.66
N VAL A 165 -27.24 -2.89 3.06
CA VAL A 165 -26.10 -2.06 3.41
C VAL A 165 -26.21 -1.70 4.87
N VAL A 166 -25.13 -1.86 5.63
CA VAL A 166 -25.15 -1.44 7.04
C VAL A 166 -24.28 -0.20 7.12
N LEU A 167 -24.81 0.90 7.72
CA LEU A 167 -23.96 2.06 8.08
C LEU A 167 -23.74 2.11 9.60
N GLU A 168 -22.52 2.45 10.04
CA GLU A 168 -22.31 2.64 11.44
C GLU A 168 -21.42 3.85 11.61
N SER A 169 -21.87 4.79 12.44
CA SER A 169 -21.06 6.02 12.67
C SER A 169 -20.88 6.22 14.15
N TYR A 170 -19.89 6.98 14.60
CA TYR A 170 -19.69 7.13 16.02
C TYR A 170 -19.17 8.55 16.25
N VAL A 171 -19.38 9.04 17.43
CA VAL A 171 -18.63 10.21 17.83
C VAL A 171 -17.92 9.80 19.15
N VAL A 172 -16.71 10.32 19.40
CA VAL A 172 -15.94 9.96 20.62
C VAL A 172 -15.00 11.09 21.00
N ASP A 173 -14.66 11.26 22.28
CA ASP A 173 -13.65 12.29 22.64
C ASP A 173 -12.26 11.82 22.23
N VAL A 174 -11.38 12.80 21.95
CA VAL A 174 -9.98 12.54 21.63
C VAL A 174 -9.24 12.68 22.95
N PRO A 175 -8.66 11.58 23.46
CA PRO A 175 -7.99 11.72 24.76
C PRO A 175 -6.87 12.77 24.68
N GLU A 176 -6.79 13.67 25.66
CA GLU A 176 -5.73 14.69 25.68
C GLU A 176 -4.32 14.11 25.28
N GLY A 177 -3.59 14.82 24.43
CA GLY A 177 -2.29 14.33 23.99
C GLY A 177 -2.27 13.13 23.04
N ASN A 178 -3.40 12.41 22.85
CA ASN A 178 -3.54 11.60 21.61
C ASN A 178 -4.04 12.50 20.47
N SER A 179 -3.85 12.04 19.23
CA SER A 179 -4.36 12.77 18.08
C SER A 179 -5.70 12.22 17.66
N GLU A 180 -6.43 13.08 16.94
CA GLU A 180 -7.67 12.70 16.30
C GLU A 180 -7.45 11.54 15.32
N GLU A 181 -6.36 11.59 14.59
CA GLU A 181 -6.05 10.55 13.62
C GLU A 181 -5.85 9.17 14.27
N ASP A 182 -5.08 9.06 15.38
CA ASP A 182 -4.97 7.73 16.06
C ASP A 182 -6.29 7.22 16.66
N THR A 183 -7.04 8.13 17.26
CA THR A 183 -8.34 7.76 17.81
C THR A 183 -9.28 7.16 16.70
N ARG A 184 -9.44 7.86 15.59
CA ARG A 184 -10.24 7.34 14.52
C ARG A 184 -9.72 6.00 13.99
N LEU A 185 -8.40 5.87 13.76
CA LEU A 185 -7.89 4.61 13.25
C LEU A 185 -8.29 3.44 14.15
N PHE A 186 -8.15 3.65 15.48
CA PHE A 186 -8.56 2.65 16.47
C PHE A 186 -10.04 2.24 16.41
N ALA A 187 -10.94 3.23 16.55
CA ALA A 187 -12.34 2.92 16.42
C ALA A 187 -12.72 2.31 15.08
N ASP A 188 -12.25 2.91 14.00
CA ASP A 188 -12.57 2.41 12.65
C ASP A 188 -12.15 0.95 12.48
N THR A 189 -10.94 0.58 12.95
CA THR A 189 -10.50 -0.77 12.75
C THR A 189 -11.41 -1.77 13.46
N VAL A 190 -11.80 -1.48 14.70
CA VAL A 190 -12.73 -2.37 15.43
C VAL A 190 -14.11 -2.40 14.72
N ILE A 191 -14.64 -1.25 14.38
CA ILE A 191 -15.97 -1.31 13.75
C ILE A 191 -15.89 -2.08 12.44
N ARG A 192 -14.87 -1.82 11.62
CA ARG A 192 -14.74 -2.54 10.34
C ARG A 192 -14.69 -4.02 10.50
N LEU A 193 -13.88 -4.48 11.45
CA LEU A 193 -13.80 -5.93 11.72
C LEU A 193 -15.15 -6.43 12.21
N ASN A 194 -15.84 -5.67 13.08
CA ASN A 194 -17.14 -6.18 13.55
C ASN A 194 -18.15 -6.28 12.40
N LEU A 195 -18.16 -5.29 11.50
CA LEU A 195 -19.15 -5.33 10.44
C LEU A 195 -18.77 -6.43 9.42
N GLN A 196 -17.50 -6.76 9.29
CA GLN A 196 -17.18 -7.89 8.41
C GLN A 196 -17.72 -9.15 9.00
N LYS A 197 -17.59 -9.29 10.34
CA LYS A 197 -18.04 -10.52 11.01
C LYS A 197 -19.56 -10.60 10.91
N LEU A 198 -20.22 -9.45 11.07
CA LEU A 198 -21.70 -9.38 10.83
C LEU A 198 -22.09 -9.90 9.43
N ALA A 199 -21.38 -9.46 8.41
CA ALA A 199 -21.69 -9.89 7.11
C ALA A 199 -21.50 -11.39 7.02
N SER A 200 -20.37 -11.94 7.46
CA SER A 200 -20.22 -13.39 7.36
C SER A 200 -21.28 -14.17 8.15
N ILE A 201 -21.60 -13.76 9.38
CA ILE A 201 -22.64 -14.42 10.14
C ILE A 201 -24.02 -14.38 9.45
N THR A 202 -24.40 -13.20 8.98
CA THR A 202 -25.72 -13.08 8.39
C THR A 202 -25.82 -13.74 7.01
N GLU A 203 -24.76 -13.70 6.19
CA GLU A 203 -24.77 -14.43 4.93
C GLU A 203 -24.85 -16.00 5.11
N ALA A 204 -24.18 -16.51 6.15
CA ALA A 204 -24.22 -17.93 6.49
C ALA A 204 -25.62 -18.37 6.96
N MET A 205 -26.41 -17.42 7.42
CA MET A 205 -27.78 -17.69 7.88
C MET A 205 -28.78 -18.19 6.80
N ASN A 206 -28.63 -17.78 5.54
CA ASN A 206 -29.22 -18.49 4.34
C ASN A 206 -28.71 -19.93 4.19
N SER B 27 8.31 9.23 -20.23
CA SER B 27 7.27 8.39 -19.56
C SER B 27 6.22 9.26 -18.86
N ASP B 28 6.33 10.59 -19.02
CA ASP B 28 5.26 11.49 -18.58
C ASP B 28 4.32 11.39 -19.76
N LEU B 29 3.06 11.73 -19.53
CA LEU B 29 2.07 11.89 -20.61
C LEU B 29 2.55 12.89 -21.64
N THR B 30 2.38 12.59 -22.92
CA THR B 30 2.58 13.62 -23.94
C THR B 30 1.42 14.65 -23.84
N GLN B 31 1.55 15.80 -24.51
CA GLN B 31 0.45 16.76 -24.55
C GLN B 31 -0.82 16.10 -25.17
N ASP B 32 -0.65 15.38 -26.28
CA ASP B 32 -1.74 14.63 -26.92
C ASP B 32 -2.37 13.64 -25.95
N GLU B 33 -1.53 12.87 -25.27
CA GLU B 33 -2.05 11.92 -24.26
C GLU B 33 -2.72 12.65 -23.09
N PHE B 34 -2.08 13.69 -22.56
CA PHE B 34 -2.76 14.43 -21.45
C PHE B 34 -4.11 15.00 -21.87
N THR B 35 -4.18 15.57 -23.06
CA THR B 35 -5.40 16.13 -23.60
C THR B 35 -6.55 15.09 -23.65
N GLN B 36 -6.28 13.92 -24.21
CA GLN B 36 -7.26 12.87 -24.29
C GLN B 36 -7.65 12.30 -22.93
N LEU B 37 -6.70 12.21 -22.01
CA LEU B 37 -6.93 11.63 -20.71
C LEU B 37 -7.44 12.64 -19.64
N SER B 38 -7.46 13.94 -19.98
CA SER B 38 -7.66 14.97 -18.96
C SER B 38 -8.98 14.73 -18.19
N GLN B 39 -10.03 14.32 -18.90
CA GLN B 39 -11.37 14.15 -18.28
C GLN B 39 -11.23 12.99 -17.25
N SER B 40 -10.54 11.88 -17.58
CA SER B 40 -10.42 10.75 -16.63
C SER B 40 -9.53 11.13 -15.46
N ILE B 41 -8.53 11.95 -15.75
CA ILE B 41 -7.61 12.33 -14.64
C ILE B 41 -8.42 13.21 -13.65
N ALA B 42 -9.21 14.15 -14.17
CA ALA B 42 -9.98 14.99 -13.24
C ALA B 42 -10.98 14.15 -12.46
N GLU B 43 -11.63 13.23 -13.17
CA GLU B 43 -12.62 12.41 -12.57
C GLU B 43 -12.08 11.45 -11.50
N PHE B 44 -10.93 10.82 -11.77
CA PHE B 44 -10.47 9.71 -10.90
C PHE B 44 -9.13 9.92 -10.19
N HIS B 45 -8.30 10.82 -10.68
CA HIS B 45 -6.94 10.80 -10.26
C HIS B 45 -6.52 12.09 -9.59
N THR B 46 -7.47 12.94 -9.17
CA THR B 46 -7.16 14.16 -8.41
C THR B 46 -7.64 14.05 -6.93
N TYR B 47 -6.99 14.70 -5.96
CA TYR B 47 -7.30 14.49 -4.52
C TYR B 47 -7.23 15.84 -3.83
N GLN B 48 -8.23 16.21 -3.06
CA GLN B 48 -8.18 17.61 -2.54
C GLN B 48 -7.80 17.43 -1.14
N LEU B 49 -6.49 17.55 -0.91
CA LEU B 49 -5.85 17.06 0.31
C LEU B 49 -5.61 18.03 1.43
N GLY B 50 -5.89 17.55 2.66
CA GLY B 50 -5.38 18.18 3.88
C GLY B 50 -3.98 17.65 4.07
N ASN B 51 -3.19 18.30 4.91
CA ASN B 51 -1.84 17.75 5.19
C ASN B 51 -1.91 16.48 6.05
N GLY B 52 -0.72 15.92 6.27
CA GLY B 52 -0.64 14.57 6.78
C GLY B 52 -1.12 13.58 5.71
N ARG B 53 -1.40 14.06 4.49
CA ARG B 53 -1.87 13.16 3.41
C ARG B 53 -1.09 13.37 2.11
N CYS B 54 -0.72 12.30 1.45
CA CYS B 54 -0.01 12.48 0.22
C CYS B 54 -0.60 11.69 -0.97
N SER B 55 -0.51 12.27 -2.15
CA SER B 55 -1.03 11.63 -3.37
C SER B 55 -0.07 11.74 -4.53
N SER B 56 -0.33 10.95 -5.58
CA SER B 56 0.58 10.93 -6.68
C SER B 56 -0.12 10.29 -7.86
N LEU B 57 0.29 10.54 -9.07
CA LEU B 57 -0.26 9.92 -10.26
C LEU B 57 0.94 9.41 -11.11
N LEU B 58 0.80 8.19 -11.64
CA LEU B 58 1.81 7.47 -12.47
C LEU B 58 1.13 6.98 -13.74
N ALA B 59 1.82 7.09 -14.91
CA ALA B 59 1.30 6.60 -16.18
C ALA B 59 2.26 5.55 -16.73
N GLN B 60 1.78 4.51 -17.39
CA GLN B 60 2.73 3.60 -18.00
C GLN B 60 2.15 3.31 -19.38
N ARG B 61 2.98 3.41 -20.41
CA ARG B 61 2.49 3.17 -21.74
C ARG B 61 2.72 1.69 -22.00
N ILE B 62 1.77 0.97 -22.62
CA ILE B 62 1.98 -0.46 -22.86
C ILE B 62 1.64 -0.77 -24.28
N HIS B 63 2.57 -1.45 -24.98
CA HIS B 63 2.35 -1.77 -26.39
C HIS B 63 1.59 -3.09 -26.52
N ALA B 64 0.30 -3.05 -26.15
CA ALA B 64 -0.58 -4.23 -26.11
C ALA B 64 -2.04 -3.71 -26.19
N PRO B 65 -3.01 -4.60 -26.51
CA PRO B 65 -4.32 -4.05 -26.64
C PRO B 65 -4.88 -3.72 -25.27
N PRO B 66 -5.68 -2.65 -25.17
CA PRO B 66 -6.19 -2.36 -23.83
C PRO B 66 -7.07 -3.46 -23.24
N GLU B 67 -7.70 -4.27 -24.06
CA GLU B 67 -8.50 -5.32 -23.43
C GLU B 67 -7.58 -6.38 -22.78
N THR B 68 -6.42 -6.64 -23.41
CA THR B 68 -5.45 -7.56 -22.78
C THR B 68 -4.96 -6.99 -21.42
N VAL B 69 -4.67 -5.69 -21.41
CA VAL B 69 -4.15 -5.08 -20.19
C VAL B 69 -5.25 -5.15 -19.12
N TRP B 70 -6.45 -4.65 -19.47
CA TRP B 70 -7.57 -4.69 -18.53
C TRP B 70 -7.85 -6.11 -17.95
N SER B 71 -7.72 -7.16 -18.75
CA SER B 71 -8.07 -8.50 -18.29
C SER B 71 -7.14 -8.97 -17.15
N VAL B 72 -5.97 -8.35 -17.02
CA VAL B 72 -5.05 -8.65 -15.91
C VAL B 72 -5.32 -7.71 -14.74
N VAL B 73 -5.46 -6.42 -15.06
CA VAL B 73 -5.74 -5.33 -14.10
C VAL B 73 -6.99 -5.60 -13.26
N ARG B 74 -8.00 -6.22 -13.83
CA ARG B 74 -9.38 -6.23 -13.24
C ARG B 74 -9.46 -7.42 -12.30
N ARG B 75 -8.46 -8.30 -12.34
CA ARG B 75 -8.57 -9.58 -11.57
C ARG B 75 -8.12 -9.32 -10.12
N PHE B 76 -9.05 -8.86 -9.30
CA PHE B 76 -8.74 -8.39 -7.91
C PHE B 76 -8.23 -9.54 -7.05
N ASP B 77 -8.59 -10.78 -7.40
CA ASP B 77 -8.14 -11.98 -6.71
C ASP B 77 -6.77 -12.47 -7.17
N ARG B 78 -6.14 -11.80 -8.16
CA ARG B 78 -4.81 -12.27 -8.70
C ARG B 78 -3.82 -11.12 -8.87
N PRO B 79 -3.70 -10.26 -7.89
CA PRO B 79 -2.76 -9.18 -8.08
C PRO B 79 -1.32 -9.74 -8.17
N GLN B 80 -1.05 -10.91 -7.61
CA GLN B 80 0.34 -11.44 -7.67
C GLN B 80 0.88 -11.69 -9.10
N ILE B 81 -0.01 -11.75 -10.11
CA ILE B 81 0.37 -11.94 -11.48
C ILE B 81 1.24 -10.81 -11.99
N TYR B 82 0.96 -9.56 -11.58
CA TYR B 82 1.73 -8.46 -12.09
C TYR B 82 2.37 -7.58 -11.03
N LYS B 83 2.04 -7.74 -9.75
CA LYS B 83 2.63 -6.89 -8.75
C LYS B 83 4.02 -7.43 -8.32
N HIS B 84 5.02 -6.57 -8.52
CA HIS B 84 6.43 -6.91 -8.50
C HIS B 84 6.84 -7.57 -7.22
N PHE B 85 6.32 -7.04 -6.09
CA PHE B 85 6.70 -7.60 -4.77
C PHE B 85 5.65 -8.45 -4.10
N ILE B 86 4.60 -8.80 -4.79
CA ILE B 86 3.54 -9.61 -4.17
C ILE B 86 3.77 -11.08 -4.57
N LYS B 87 3.85 -11.93 -3.55
CA LYS B 87 4.13 -13.36 -3.72
C LYS B 87 2.86 -14.16 -3.94
N SER B 88 1.78 -13.85 -3.21
CA SER B 88 0.58 -14.63 -3.32
C SER B 88 -0.62 -13.80 -2.84
N CYS B 89 -1.82 -14.27 -3.15
CA CYS B 89 -3.03 -13.60 -2.70
C CYS B 89 -4.05 -14.65 -2.33
N ASN B 90 -4.72 -14.38 -1.19
CA ASN B 90 -5.79 -15.22 -0.70
C ASN B 90 -7.15 -14.56 -0.57
N VAL B 91 -8.15 -15.26 -1.08
CA VAL B 91 -9.56 -14.82 -0.94
C VAL B 91 -10.42 -15.89 -0.28
N SER B 92 -11.61 -15.51 0.20
CA SER B 92 -12.44 -16.45 0.97
C SER B 92 -13.03 -17.51 0.05
N GLU B 93 -13.46 -18.64 0.61
CA GLU B 93 -14.09 -19.70 -0.21
C GLU B 93 -15.21 -19.21 -1.20
N ASP B 94 -16.23 -18.55 -0.68
CA ASP B 94 -17.25 -18.00 -1.55
C ASP B 94 -16.90 -16.63 -2.05
N PHE B 95 -15.71 -16.49 -2.65
CA PHE B 95 -15.34 -15.22 -3.22
C PHE B 95 -16.06 -14.89 -4.49
N GLU B 96 -16.65 -13.72 -4.50
CA GLU B 96 -17.18 -13.20 -5.74
C GLU B 96 -16.62 -11.83 -5.91
N MET B 97 -16.17 -11.56 -7.11
CA MET B 97 -15.50 -10.34 -7.36
C MET B 97 -16.52 -9.23 -7.56
N ARG B 98 -16.78 -8.43 -6.53
CA ARG B 98 -17.87 -7.46 -6.54
C ARG B 98 -17.34 -6.33 -5.70
N VAL B 99 -17.69 -5.10 -6.02
CA VAL B 99 -17.36 -3.98 -5.13
C VAL B 99 -17.63 -4.35 -3.65
N GLY B 100 -16.65 -4.13 -2.76
CA GLY B 100 -16.78 -4.61 -1.41
C GLY B 100 -16.08 -5.95 -1.11
N CYS B 101 -15.71 -6.75 -2.10
CA CYS B 101 -15.05 -8.00 -1.73
C CYS B 101 -13.62 -7.63 -1.20
N THR B 102 -12.95 -8.57 -0.52
CA THR B 102 -11.69 -8.25 0.15
C THR B 102 -10.71 -9.33 -0.25
N ARG B 103 -9.43 -9.07 0.01
CA ARG B 103 -8.34 -10.02 -0.30
C ARG B 103 -7.26 -9.79 0.74
N ASP B 104 -6.41 -10.79 0.95
CA ASP B 104 -5.19 -10.60 1.73
C ASP B 104 -3.99 -10.91 0.80
N VAL B 105 -3.01 -10.02 0.62
CA VAL B 105 -1.87 -10.33 -0.26
C VAL B 105 -0.63 -10.49 0.63
N ASN B 106 0.28 -11.40 0.24
CA ASN B 106 1.58 -11.58 0.91
C ASN B 106 2.73 -11.05 0.11
N VAL B 107 3.64 -10.37 0.80
CA VAL B 107 4.76 -9.76 0.15
C VAL B 107 5.93 -10.75 0.00
N ILE B 108 6.85 -10.55 -0.96
CA ILE B 108 8.04 -11.40 -1.04
C ILE B 108 8.79 -11.33 0.32
N SER B 109 9.67 -12.32 0.58
CA SER B 109 10.35 -12.36 1.84
C SER B 109 11.38 -11.21 1.86
N GLY B 110 11.68 -10.78 3.05
CA GLY B 110 12.76 -9.81 3.19
C GLY B 110 12.13 -8.44 3.37
N LEU B 111 11.17 -8.07 2.52
CA LEU B 111 10.49 -6.76 2.75
C LEU B 111 9.89 -6.76 4.15
N PRO B 112 10.01 -5.66 4.92
CA PRO B 112 9.44 -5.71 6.30
C PRO B 112 7.88 -5.88 6.38
N ALA B 113 7.13 -5.33 5.42
CA ALA B 113 5.68 -5.47 5.39
C ALA B 113 5.22 -6.95 5.37
N ASN B 114 4.18 -7.26 6.15
CA ASN B 114 3.85 -8.64 6.27
C ASN B 114 2.83 -9.05 5.18
N THR B 115 1.69 -8.44 5.36
CA THR B 115 0.51 -8.91 4.73
C THR B 115 -0.13 -7.55 4.54
N SER B 116 -1.15 -7.49 3.67
CA SER B 116 -1.98 -6.30 3.49
C SER B 116 -3.40 -6.77 3.28
N ARG B 117 -4.34 -6.14 3.98
CA ARG B 117 -5.76 -6.48 3.84
C ARG B 117 -6.46 -5.36 3.06
N GLU B 118 -7.12 -5.72 1.95
CA GLU B 118 -7.53 -4.76 0.94
C GLU B 118 -8.95 -5.00 0.47
N ARG B 119 -9.62 -3.93 0.09
CA ARG B 119 -11.03 -4.02 -0.26
C ARG B 119 -11.21 -3.41 -1.67
N LEU B 120 -12.02 -4.04 -2.53
CA LEU B 120 -12.24 -3.59 -3.93
C LEU B 120 -13.22 -2.41 -3.80
N ASP B 121 -12.84 -1.22 -4.27
CA ASP B 121 -13.75 -0.09 -4.09
C ASP B 121 -14.54 0.14 -5.40
N LEU B 122 -13.89 -0.07 -6.54
CA LEU B 122 -14.43 0.29 -7.90
C LEU B 122 -14.18 -0.89 -8.85
N LEU B 123 -15.10 -1.20 -9.76
CA LEU B 123 -14.86 -2.22 -10.77
C LEU B 123 -15.81 -1.93 -11.92
N ASP B 124 -15.34 -1.33 -13.01
CA ASP B 124 -16.26 -0.94 -14.10
C ASP B 124 -15.64 -1.49 -15.36
N ASP B 125 -16.21 -2.59 -15.79
CA ASP B 125 -15.72 -3.31 -16.95
C ASP B 125 -15.97 -2.60 -18.30
N ASP B 126 -16.90 -1.63 -18.35
CA ASP B 126 -17.13 -0.93 -19.65
C ASP B 126 -16.13 0.23 -19.76
N ARG B 127 -15.79 0.84 -18.63
CA ARG B 127 -14.90 2.00 -18.61
C ARG B 127 -13.46 1.66 -18.33
N ARG B 128 -13.25 0.43 -17.86
CA ARG B 128 -11.92 -0.14 -17.44
C ARG B 128 -11.36 0.71 -16.34
N VAL B 129 -12.09 0.75 -15.21
CA VAL B 129 -11.71 1.51 -14.04
C VAL B 129 -11.83 0.53 -12.88
N THR B 130 -10.78 0.44 -12.04
CA THR B 130 -10.90 -0.27 -10.80
C THR B 130 -10.09 0.48 -9.72
N GLY B 131 -10.20 0.08 -8.45
CA GLY B 131 -9.46 0.80 -7.42
C GLY B 131 -9.73 0.06 -6.11
N PHE B 132 -8.84 0.19 -5.13
CA PHE B 132 -9.00 -0.54 -3.87
C PHE B 132 -8.51 0.32 -2.71
N SER B 133 -8.91 -0.05 -1.49
CA SER B 133 -8.41 0.54 -0.30
C SER B 133 -7.72 -0.49 0.56
N ILE B 134 -6.64 -0.08 1.21
CA ILE B 134 -6.03 -0.93 2.23
C ILE B 134 -6.60 -0.64 3.59
N THR B 135 -7.31 -1.61 4.16
CA THR B 135 -7.97 -1.46 5.42
C THR B 135 -7.12 -1.93 6.61
N GLY B 136 -6.05 -2.73 6.35
CA GLY B 136 -5.24 -3.25 7.45
C GLY B 136 -3.95 -3.92 6.98
N GLY B 137 -3.24 -4.52 7.92
CA GLY B 137 -2.05 -5.21 7.61
C GLY B 137 -0.93 -4.55 8.35
N GLU B 138 0.07 -5.31 8.66
CA GLU B 138 1.15 -4.74 9.43
C GLU B 138 2.18 -4.21 8.41
N HIS B 139 2.02 -2.95 8.04
CA HIS B 139 2.91 -2.25 7.20
C HIS B 139 2.63 -0.76 7.42
N ARG B 140 3.38 0.08 6.77
CA ARG B 140 3.30 1.49 7.13
C ARG B 140 2.32 2.32 6.27
N LEU B 141 1.56 1.71 5.36
CA LEU B 141 0.62 2.49 4.57
C LEU B 141 -0.74 2.56 5.30
N ARG B 142 -1.08 3.76 5.75
CA ARG B 142 -2.28 3.96 6.51
C ARG B 142 -3.30 4.64 5.66
N ASN B 143 -4.53 4.15 5.64
CA ASN B 143 -5.67 4.75 4.91
C ASN B 143 -5.23 4.95 3.44
N TYR B 144 -4.57 3.94 2.85
CA TYR B 144 -4.13 3.95 1.44
C TYR B 144 -5.30 3.62 0.53
N LYS B 145 -5.46 4.39 -0.54
CA LYS B 145 -6.52 4.10 -1.49
C LYS B 145 -5.95 4.43 -2.88
N SER B 146 -6.17 3.56 -3.86
CA SER B 146 -5.72 3.86 -5.17
C SER B 146 -6.82 3.60 -6.22
N VAL B 147 -6.64 4.14 -7.42
CA VAL B 147 -7.57 3.95 -8.54
C VAL B 147 -6.67 3.70 -9.77
N THR B 148 -7.02 2.69 -10.61
CA THR B 148 -6.28 2.36 -11.81
C THR B 148 -7.22 2.42 -12.98
N THR B 149 -6.83 3.15 -14.05
CA THR B 149 -7.65 3.25 -15.28
C THR B 149 -6.85 2.89 -16.48
N VAL B 150 -7.52 2.30 -17.46
CA VAL B 150 -6.86 1.67 -18.63
C VAL B 150 -7.44 2.31 -19.89
N HIS B 151 -6.54 2.86 -20.73
CA HIS B 151 -6.98 3.71 -21.84
C HIS B 151 -6.43 3.28 -23.16
N ARG B 152 -7.21 3.43 -24.20
CA ARG B 152 -6.84 2.98 -25.50
C ARG B 152 -6.31 4.17 -26.32
N PHE B 153 -5.22 3.97 -27.03
CA PHE B 153 -4.71 5.01 -27.95
C PHE B 153 -4.50 4.41 -29.33
N GLU B 154 -4.61 5.21 -30.37
CA GLU B 154 -4.31 4.68 -31.70
C GLU B 154 -3.49 5.65 -32.60
N ILE B 162 -2.04 0.73 -32.28
CA ILE B 162 -2.89 0.64 -31.08
C ILE B 162 -2.05 0.40 -29.83
N TRP B 163 -2.14 1.32 -28.85
CA TRP B 163 -1.39 1.15 -27.60
C TRP B 163 -2.34 1.49 -26.40
N THR B 164 -1.85 1.18 -25.20
CA THR B 164 -2.60 1.36 -23.97
C THR B 164 -1.75 2.26 -23.12
N VAL B 165 -2.43 3.11 -22.36
CA VAL B 165 -1.86 3.80 -21.28
C VAL B 165 -2.63 3.44 -20.02
N VAL B 166 -1.88 3.07 -18.96
CA VAL B 166 -2.51 2.81 -17.68
C VAL B 166 -2.16 3.96 -16.81
N LEU B 167 -3.16 4.54 -16.16
CA LEU B 167 -2.86 5.54 -15.15
C LEU B 167 -3.15 4.96 -13.73
N GLU B 168 -2.31 5.27 -12.74
CA GLU B 168 -2.68 4.77 -11.40
C GLU B 168 -2.29 5.85 -10.44
N SER B 169 -3.23 6.25 -9.56
CA SER B 169 -2.91 7.28 -8.61
C SER B 169 -3.33 6.75 -7.21
N TYR B 170 -2.86 7.39 -6.14
CA TYR B 170 -3.25 6.94 -4.81
C TYR B 170 -3.29 8.14 -3.91
N VAL B 171 -3.94 7.94 -2.77
CA VAL B 171 -3.77 8.82 -1.63
C VAL B 171 -3.49 7.96 -0.41
N VAL B 172 -2.67 8.45 0.51
CA VAL B 172 -2.33 7.71 1.74
C VAL B 172 -1.91 8.71 2.86
N ASP B 173 -1.94 8.31 4.12
CA ASP B 173 -1.47 9.17 5.21
C ASP B 173 0.03 9.19 5.22
N VAL B 174 0.62 10.28 5.70
CA VAL B 174 2.05 10.23 5.99
C VAL B 174 2.22 9.78 7.47
N PRO B 175 3.10 8.76 7.67
CA PRO B 175 3.51 8.21 8.98
C PRO B 175 4.27 9.30 9.75
N GLU B 176 3.54 10.01 10.62
CA GLU B 176 4.16 10.84 11.64
C GLU B 176 5.52 10.26 12.04
N GLY B 177 6.58 11.07 11.87
CA GLY B 177 7.93 10.52 11.90
C GLY B 177 8.57 10.49 10.51
N ASN B 178 7.76 10.22 9.48
CA ASN B 178 8.30 10.22 8.13
C ASN B 178 7.86 11.38 7.29
N SER B 179 8.70 11.72 6.32
CA SER B 179 8.39 12.79 5.42
C SER B 179 7.33 12.30 4.43
N GLU B 180 6.65 13.26 3.83
CA GLU B 180 5.81 12.98 2.73
C GLU B 180 6.72 12.45 1.60
N GLU B 181 7.88 13.09 1.41
CA GLU B 181 8.73 12.76 0.30
C GLU B 181 9.10 11.30 0.33
N ASP B 182 9.40 10.76 1.52
CA ASP B 182 9.84 9.38 1.55
C ASP B 182 8.68 8.45 1.34
N THR B 183 7.49 8.85 1.77
CA THR B 183 6.40 7.93 1.65
C THR B 183 6.04 7.91 0.18
N ARG B 184 6.10 9.07 -0.44
CA ARG B 184 5.69 9.18 -1.83
C ARG B 184 6.71 8.43 -2.72
N LEU B 185 8.03 8.54 -2.40
CA LEU B 185 9.05 7.72 -3.08
C LEU B 185 8.74 6.21 -3.02
N PHE B 186 8.54 5.75 -1.78
CA PHE B 186 8.29 4.34 -1.62
C PHE B 186 7.08 3.84 -2.44
N ALA B 187 5.95 4.54 -2.31
CA ALA B 187 4.71 4.03 -2.98
C ALA B 187 4.80 4.21 -4.52
N ASP B 188 5.32 5.36 -4.95
CA ASP B 188 5.57 5.56 -6.41
C ASP B 188 6.45 4.46 -6.98
N THR B 189 7.50 4.10 -6.22
CA THR B 189 8.43 3.09 -6.76
C THR B 189 7.76 1.73 -6.89
N VAL B 190 7.04 1.31 -5.88
CA VAL B 190 6.29 0.06 -5.96
C VAL B 190 5.31 0.11 -7.14
N ILE B 191 4.54 1.21 -7.29
CA ILE B 191 3.50 1.24 -8.33
C ILE B 191 4.21 1.17 -9.69
N ARG B 192 5.31 1.91 -9.81
CA ARG B 192 6.02 1.94 -11.08
C ARG B 192 6.55 0.56 -11.46
N LEU B 193 7.21 -0.13 -10.53
CA LEU B 193 7.55 -1.54 -10.77
C LEU B 193 6.33 -2.39 -11.13
N ASN B 194 5.21 -2.23 -10.43
CA ASN B 194 4.04 -3.03 -10.79
C ASN B 194 3.59 -2.75 -12.26
N LEU B 195 3.59 -1.49 -12.64
CA LEU B 195 3.07 -1.13 -13.99
C LEU B 195 4.11 -1.61 -15.05
N GLN B 196 5.43 -1.59 -14.70
CA GLN B 196 6.43 -2.19 -15.63
C GLN B 196 6.25 -3.71 -15.79
N LYS B 197 5.95 -4.43 -14.70
CA LYS B 197 5.68 -5.83 -14.83
C LYS B 197 4.41 -6.10 -15.63
N LEU B 198 3.40 -5.33 -15.37
CA LEU B 198 2.17 -5.48 -16.12
C LEU B 198 2.45 -5.28 -17.60
N ALA B 199 3.22 -4.23 -17.94
CA ALA B 199 3.64 -4.01 -19.33
C ALA B 199 4.36 -5.23 -19.91
N SER B 200 5.35 -5.77 -19.18
CA SER B 200 6.06 -6.91 -19.78
C SER B 200 5.18 -8.18 -19.90
N ILE B 201 4.36 -8.47 -18.89
CA ILE B 201 3.42 -9.59 -18.95
C ILE B 201 2.48 -9.44 -20.18
N THR B 202 1.80 -8.29 -20.28
CA THR B 202 0.79 -8.13 -21.27
C THR B 202 1.39 -8.01 -22.65
N GLU B 203 2.56 -7.38 -22.76
CA GLU B 203 3.22 -7.27 -24.08
C GLU B 203 3.66 -8.65 -24.57
N ALA B 204 4.01 -9.55 -23.64
CA ALA B 204 4.34 -10.94 -23.95
C ALA B 204 3.16 -11.77 -24.41
N MET B 205 1.93 -11.39 -24.02
CA MET B 205 0.75 -12.23 -24.29
C MET B 205 0.44 -12.33 -25.79
N ASN B 206 0.92 -11.35 -26.56
CA ASN B 206 1.09 -11.54 -28.01
C ASN B 206 2.41 -11.07 -28.61
N THR C 35 29.86 -8.21 -29.29
CA THR C 35 29.80 -7.24 -28.16
C THR C 35 31.27 -6.75 -27.90
N GLN C 36 31.43 -5.43 -27.85
CA GLN C 36 32.68 -4.76 -27.39
C GLN C 36 32.99 -5.04 -25.90
N LEU C 37 32.02 -5.59 -25.19
CA LEU C 37 32.13 -5.70 -23.75
C LEU C 37 32.71 -7.01 -23.21
N SER C 38 32.99 -7.97 -24.12
CA SER C 38 33.35 -9.34 -23.71
C SER C 38 34.43 -9.37 -22.66
N GLN C 39 35.54 -8.69 -23.01
CA GLN C 39 36.73 -8.62 -22.23
C GLN C 39 36.42 -8.06 -20.84
N SER C 40 35.80 -6.89 -20.83
CA SER C 40 35.41 -6.30 -19.58
C SER C 40 34.52 -7.26 -18.79
N ILE C 41 33.49 -7.81 -19.43
CA ILE C 41 32.67 -8.81 -18.72
C ILE C 41 33.48 -10.00 -18.24
N ALA C 42 34.45 -10.46 -19.06
CA ALA C 42 35.30 -11.59 -18.68
C ALA C 42 36.17 -11.14 -17.50
N GLU C 43 36.67 -9.90 -17.56
CA GLU C 43 37.57 -9.47 -16.49
C GLU C 43 36.91 -9.17 -15.13
N PHE C 44 35.73 -8.53 -15.16
CA PHE C 44 35.17 -7.96 -13.92
C PHE C 44 33.87 -8.52 -13.48
N HIS C 45 33.19 -9.22 -14.40
CA HIS C 45 31.82 -9.62 -14.14
C HIS C 45 31.56 -11.08 -14.37
N THR C 46 32.59 -11.93 -14.27
CA THR C 46 32.39 -13.39 -14.34
C THR C 46 32.67 -13.98 -12.94
N TYR C 47 31.78 -14.85 -12.47
CA TYR C 47 31.88 -15.46 -11.13
C TYR C 47 31.85 -16.99 -11.12
N GLN C 48 32.49 -17.56 -10.09
CA GLN C 48 32.47 -19.03 -9.80
C GLN C 48 31.08 -19.65 -9.58
N GLY C 52 26.55 -21.99 -2.14
CA GLY C 52 25.31 -21.14 -2.00
C GLY C 52 25.54 -19.67 -2.39
N ARG C 53 26.29 -19.45 -3.48
CA ARG C 53 26.50 -18.09 -4.03
C ARG C 53 25.52 -17.76 -5.14
N CYS C 54 25.12 -16.48 -5.21
CA CYS C 54 24.31 -16.02 -6.35
C CYS C 54 24.79 -14.66 -6.89
N SER C 55 24.87 -14.58 -8.23
CA SER C 55 25.40 -13.40 -8.92
C SER C 55 24.50 -13.08 -10.07
N SER C 56 24.58 -11.84 -10.46
CA SER C 56 23.75 -11.24 -11.48
C SER C 56 24.54 -10.09 -12.08
N LEU C 57 24.35 -9.87 -13.38
CA LEU C 57 24.99 -8.76 -14.06
C LEU C 57 23.85 -7.92 -14.68
N LEU C 58 23.88 -6.58 -14.46
CA LEU C 58 22.95 -5.59 -15.09
C LEU C 58 23.70 -4.64 -15.99
N ALA C 59 23.04 -4.14 -17.03
CA ALA C 59 23.66 -3.22 -18.05
C ALA C 59 22.73 -2.03 -18.20
N GLN C 60 23.27 -0.85 -18.45
CA GLN C 60 22.39 0.31 -18.63
C GLN C 60 23.07 1.17 -19.64
N ARG C 61 22.38 1.50 -20.69
CA ARG C 61 22.89 2.44 -21.64
C ARG C 61 22.57 3.83 -21.12
N ILE C 62 23.51 4.75 -21.28
CA ILE C 62 23.34 6.14 -20.80
C ILE C 62 23.78 7.09 -21.88
N HIS C 63 22.92 8.05 -22.21
CA HIS C 63 23.20 8.96 -23.33
C HIS C 63 23.94 10.18 -22.81
N ALA C 64 25.13 9.90 -22.32
CA ALA C 64 26.02 10.89 -21.75
C ALA C 64 27.43 10.33 -21.92
N PRO C 65 28.40 11.22 -21.84
CA PRO C 65 29.78 10.84 -22.03
C PRO C 65 30.22 10.04 -20.82
N PRO C 66 31.07 9.04 -21.00
CA PRO C 66 31.54 8.17 -19.93
C PRO C 66 32.29 8.89 -18.79
N GLU C 67 33.07 9.94 -19.08
CA GLU C 67 33.66 10.71 -17.95
C GLU C 67 32.53 11.31 -17.06
N THR C 68 31.48 11.85 -17.66
CA THR C 68 30.35 12.40 -16.88
C THR C 68 29.75 11.35 -15.94
N VAL C 69 29.56 10.17 -16.48
CA VAL C 69 28.93 9.09 -15.74
C VAL C 69 29.88 8.64 -14.65
N TRP C 70 31.17 8.50 -15.02
CA TRP C 70 32.19 8.06 -14.05
C TRP C 70 32.34 9.03 -12.90
N SER C 71 32.27 10.33 -13.21
CA SER C 71 32.47 11.35 -12.19
C SER C 71 31.42 11.21 -11.05
N VAL C 72 30.24 10.65 -11.37
CA VAL C 72 29.17 10.38 -10.35
C VAL C 72 29.35 9.00 -9.69
N VAL C 73 29.64 7.99 -10.49
CA VAL C 73 29.92 6.55 -10.05
C VAL C 73 31.05 6.40 -9.04
N ARG C 74 32.14 7.15 -9.29
CA ARG C 74 33.38 7.09 -8.52
C ARG C 74 33.28 7.76 -7.14
N ARG C 75 32.25 8.57 -6.91
CA ARG C 75 32.22 9.31 -5.63
C ARG C 75 31.64 8.45 -4.52
N PHE C 76 32.54 7.67 -3.95
CA PHE C 76 32.12 6.67 -2.98
C PHE C 76 31.44 7.34 -1.81
N ASP C 77 31.81 8.58 -1.51
CA ASP C 77 31.18 9.34 -0.40
C ASP C 77 29.86 9.98 -0.77
N ARG C 78 29.41 9.90 -2.03
CA ARG C 78 28.13 10.54 -2.44
C ARG C 78 27.19 9.61 -3.22
N PRO C 79 27.00 8.33 -2.75
CA PRO C 79 26.04 7.46 -3.45
C PRO C 79 24.58 8.03 -3.48
N GLN C 80 24.24 8.90 -2.53
CA GLN C 80 22.89 9.43 -2.51
C GLN C 80 22.56 10.26 -3.76
N ILE C 81 23.58 10.63 -4.54
CA ILE C 81 23.31 11.44 -5.72
C ILE C 81 22.55 10.57 -6.74
N TYR C 82 22.85 9.28 -6.81
CA TYR C 82 22.13 8.52 -7.83
C TYR C 82 21.44 7.25 -7.35
N LYS C 83 21.72 6.83 -6.12
CA LYS C 83 21.12 5.58 -5.66
C LYS C 83 19.69 5.84 -5.17
N HIS C 84 18.77 5.10 -5.75
CA HIS C 84 17.35 5.41 -5.72
C HIS C 84 16.78 5.61 -4.33
N PHE C 85 17.13 4.71 -3.41
CA PHE C 85 16.50 4.72 -2.08
C PHE C 85 17.36 5.27 -0.97
N ILE C 86 18.54 5.77 -1.32
CA ILE C 86 19.50 6.33 -0.36
C ILE C 86 19.19 7.80 -0.06
N LYS C 87 18.90 8.10 1.20
CA LYS C 87 18.64 9.46 1.68
C LYS C 87 19.94 10.20 2.08
N SER C 88 20.90 9.53 2.74
CA SER C 88 22.21 10.16 3.06
C SER C 88 23.36 9.18 3.20
N CYS C 89 24.57 9.71 3.28
CA CYS C 89 25.82 8.92 3.39
C CYS C 89 26.71 9.61 4.36
N ASN C 90 27.24 8.87 5.35
CA ASN C 90 28.23 9.38 6.30
C ASN C 90 29.54 8.70 6.12
N VAL C 91 30.52 9.57 6.22
CA VAL C 91 31.89 9.32 5.91
C VAL C 91 32.69 10.15 6.95
N SER C 92 34.02 10.04 6.95
CA SER C 92 34.83 10.76 7.96
C SER C 92 35.21 12.18 7.50
N GLU C 93 35.85 12.98 8.37
CA GLU C 93 36.38 14.30 7.95
C GLU C 93 37.35 14.17 6.75
N ASP C 94 37.25 15.11 5.82
CA ASP C 94 38.21 15.26 4.70
C ASP C 94 38.35 13.92 3.97
N PHE C 95 37.19 13.39 3.62
CA PHE C 95 37.12 12.01 3.30
C PHE C 95 38.28 11.53 2.41
N GLU C 96 38.91 10.44 2.83
CA GLU C 96 39.90 9.78 2.02
C GLU C 96 39.41 8.66 1.12
N MET C 97 39.20 8.98 -0.16
CA MET C 97 38.76 7.96 -1.10
C MET C 97 39.94 7.05 -1.56
N ARG C 98 40.13 5.96 -0.82
CA ARG C 98 41.18 4.99 -1.09
C ARG C 98 40.55 3.67 -0.77
N VAL C 99 40.94 2.64 -1.52
CA VAL C 99 40.55 1.22 -1.25
C VAL C 99 40.66 0.97 0.26
N GLY C 100 39.66 0.30 0.81
CA GLY C 100 39.50 0.17 2.28
C GLY C 100 38.79 1.28 3.06
N CYS C 101 38.54 2.44 2.46
CA CYS C 101 37.72 3.41 3.22
C CYS C 101 36.27 2.86 3.34
N THR C 102 35.52 3.41 4.33
CA THR C 102 34.17 2.96 4.63
C THR C 102 33.16 4.11 4.55
N ARG C 103 31.88 3.74 4.52
CA ARG C 103 30.78 4.71 4.58
C ARG C 103 29.58 4.04 5.27
N ASP C 104 28.72 4.83 5.92
CA ASP C 104 27.41 4.36 6.29
C ASP C 104 26.38 5.06 5.44
N VAL C 105 25.51 4.28 4.78
CA VAL C 105 24.43 4.90 4.00
C VAL C 105 23.09 4.74 4.69
N ASN C 106 22.23 5.73 4.56
CA ASN C 106 20.90 5.67 5.14
C ASN C 106 19.83 5.56 4.04
N VAL C 107 18.85 4.67 4.18
CA VAL C 107 17.85 4.48 3.08
C VAL C 107 16.46 4.80 3.62
N ILE C 108 15.49 5.08 2.72
CA ILE C 108 14.11 5.43 3.13
C ILE C 108 13.52 4.26 3.89
N SER C 109 12.50 4.49 4.72
CA SER C 109 11.82 3.37 5.37
C SER C 109 10.99 2.45 4.44
N GLY C 110 10.79 1.19 4.88
CA GLY C 110 9.90 0.24 4.17
C GLY C 110 10.75 -0.83 3.49
N LEU C 111 12.09 -0.73 3.57
CA LEU C 111 13.01 -1.78 3.00
C LEU C 111 13.63 -2.75 4.05
N PRO C 112 14.30 -3.84 3.61
CA PRO C 112 14.69 -4.92 4.53
C PRO C 112 15.68 -4.41 5.52
N ALA C 113 16.47 -3.39 5.20
CA ALA C 113 17.36 -2.78 6.21
C ALA C 113 17.27 -1.27 6.09
N ASN C 114 17.56 -0.54 7.17
CA ASN C 114 17.50 0.89 6.90
C ASN C 114 18.89 1.63 6.91
N THR C 115 19.95 0.87 7.18
CA THR C 115 21.33 1.37 7.12
C THR C 115 22.26 0.30 6.55
N SER C 116 23.36 0.75 5.96
CA SER C 116 24.37 -0.15 5.46
C SER C 116 25.79 0.39 5.72
N ARG C 117 26.65 -0.48 6.21
CA ARG C 117 28.04 -0.15 6.41
C ARG C 117 28.78 -0.84 5.27
N GLU C 118 29.50 -0.07 4.46
CA GLU C 118 30.14 -0.55 3.22
C GLU C 118 31.61 -0.15 3.11
N ARG C 119 32.34 -0.94 2.32
CA ARG C 119 33.77 -0.79 2.19
C ARG C 119 34.17 -0.63 0.74
N LEU C 120 35.11 0.29 0.43
CA LEU C 120 35.51 0.45 -0.97
C LEU C 120 36.54 -0.59 -1.36
N ASP C 121 36.23 -1.42 -2.36
CA ASP C 121 37.12 -2.56 -2.72
C ASP C 121 38.01 -2.18 -3.88
N LEU C 122 37.51 -1.42 -4.88
CA LEU C 122 38.31 -1.15 -6.09
C LEU C 122 38.08 0.28 -6.51
N LEU C 123 39.08 0.93 -7.10
CA LEU C 123 38.85 2.26 -7.67
C LEU C 123 39.97 2.55 -8.65
N ASP C 124 39.69 2.56 -9.93
CA ASP C 124 40.73 2.75 -10.93
C ASP C 124 40.20 3.88 -11.81
N ASP C 125 40.80 5.06 -11.68
CA ASP C 125 40.29 6.21 -12.43
C ASP C 125 40.72 6.18 -13.85
N ASP C 126 41.74 5.36 -14.15
CA ASP C 126 42.24 5.16 -15.54
C ASP C 126 41.31 4.29 -16.39
N ARG C 127 40.76 3.25 -15.78
CA ARG C 127 39.96 2.26 -16.52
C ARG C 127 38.48 2.38 -16.13
N ARG C 128 38.20 3.23 -15.14
CA ARG C 128 36.82 3.56 -14.74
C ARG C 128 36.12 2.32 -14.22
N VAL C 129 36.72 1.72 -13.18
CA VAL C 129 36.23 0.56 -12.53
C VAL C 129 36.15 0.87 -11.03
N THR C 130 35.05 0.49 -10.41
CA THR C 130 34.96 0.63 -8.96
C THR C 130 34.13 -0.53 -8.41
N GLY C 131 34.15 -0.72 -7.09
CA GLY C 131 33.31 -1.76 -6.50
C GLY C 131 33.39 -1.72 -5.01
N PHE C 132 32.41 -2.34 -4.33
CA PHE C 132 32.41 -2.25 -2.90
C PHE C 132 31.78 -3.51 -2.32
N SER C 133 31.87 -3.63 -1.00
CA SER C 133 31.37 -4.79 -0.22
C SER C 133 30.50 -4.25 0.89
N ILE C 134 29.49 -5.02 1.27
CA ILE C 134 28.68 -4.69 2.44
C ILE C 134 29.18 -5.46 3.66
N THR C 135 29.35 -4.75 4.79
CA THR C 135 29.76 -5.36 6.08
C THR C 135 28.73 -6.30 6.70
N HIS C 139 20.59 -9.01 8.20
CA HIS C 139 21.43 -8.74 7.00
C HIS C 139 21.33 -9.96 6.05
N ARG C 140 20.42 -9.82 5.11
CA ARG C 140 20.19 -10.82 4.08
C ARG C 140 21.17 -10.87 2.88
N LEU C 141 22.01 -9.82 2.75
CA LEU C 141 22.96 -9.67 1.66
C LEU C 141 24.34 -10.03 2.10
N ARG C 142 24.41 -11.13 2.82
CA ARG C 142 25.59 -11.39 3.54
C ARG C 142 26.72 -11.60 2.51
N ASN C 143 27.89 -11.05 2.82
CA ASN C 143 29.02 -11.14 1.93
C ASN C 143 28.79 -10.50 0.54
N TYR C 144 27.82 -9.58 0.45
CA TYR C 144 27.53 -8.92 -0.82
C TYR C 144 28.71 -8.08 -1.26
N LYS C 145 29.06 -8.23 -2.54
CA LYS C 145 30.15 -7.52 -3.15
C LYS C 145 29.74 -7.19 -4.59
N SER C 146 29.94 -5.94 -5.00
CA SER C 146 29.56 -5.56 -6.37
C SER C 146 30.67 -4.80 -7.09
N VAL C 147 30.60 -4.81 -8.41
CA VAL C 147 31.63 -4.16 -9.24
C VAL C 147 30.88 -3.38 -10.32
N THR C 148 31.26 -2.12 -10.50
CA THR C 148 30.66 -1.23 -11.52
C THR C 148 31.70 -0.78 -12.51
N THR C 149 31.46 -0.95 -13.83
CA THR C 149 32.42 -0.54 -14.84
C THR C 149 31.73 0.36 -15.90
N VAL C 150 32.47 1.36 -16.38
CA VAL C 150 31.90 2.41 -17.24
C VAL C 150 32.61 2.26 -18.60
N HIS C 151 31.82 2.19 -19.68
CA HIS C 151 32.37 1.94 -21.02
C HIS C 151 32.04 2.95 -22.13
N ARG C 152 33.08 3.37 -22.82
CA ARG C 152 32.95 4.35 -23.87
C ARG C 152 32.43 3.73 -25.15
N PHE C 153 31.46 4.40 -25.75
CA PHE C 153 31.00 4.09 -27.07
C PHE C 153 30.94 5.36 -27.95
N GLU C 154 31.59 5.27 -29.10
CA GLU C 154 31.70 6.35 -30.10
C GLU C 154 31.23 5.85 -31.50
N ARG C 161 29.60 12.27 -31.27
CA ARG C 161 28.70 11.55 -30.37
C ARG C 161 29.55 10.48 -29.68
N ILE C 162 29.23 10.31 -28.43
CA ILE C 162 29.94 9.42 -27.56
C ILE C 162 28.79 9.07 -26.61
N TRP C 163 28.71 7.83 -26.17
CA TRP C 163 27.72 7.45 -25.14
C TRP C 163 28.33 6.43 -24.22
N THR C 164 27.57 5.98 -23.22
CA THR C 164 28.17 5.11 -22.19
C THR C 164 27.38 3.82 -22.04
N VAL C 165 28.05 2.75 -21.67
CA VAL C 165 27.35 1.63 -21.06
C VAL C 165 27.93 1.41 -19.70
N VAL C 166 27.07 1.23 -18.69
CA VAL C 166 27.55 0.92 -17.32
C VAL C 166 27.18 -0.48 -17.03
N LEU C 167 28.12 -1.31 -16.60
CA LEU C 167 27.83 -2.67 -16.18
C LEU C 167 27.96 -2.77 -14.65
N GLU C 168 27.06 -3.48 -13.98
CA GLU C 168 27.27 -3.66 -12.56
C GLU C 168 26.86 -5.08 -12.30
N SER C 169 27.71 -5.83 -11.60
CA SER C 169 27.39 -7.18 -11.23
C SER C 169 27.63 -7.32 -9.75
N TYR C 170 27.07 -8.37 -9.14
CA TYR C 170 27.33 -8.60 -7.74
C TYR C 170 27.37 -10.07 -7.43
N VAL C 171 27.93 -10.41 -6.28
CA VAL C 171 27.80 -11.75 -5.74
C VAL C 171 27.42 -11.60 -4.27
N VAL C 172 26.58 -12.52 -3.83
CA VAL C 172 26.07 -12.50 -2.50
C VAL C 172 25.82 -13.96 -2.09
N ASP C 173 26.02 -14.27 -0.80
CA ASP C 173 25.74 -15.62 -0.29
C ASP C 173 24.34 -15.56 0.32
N VAL C 174 23.42 -16.37 -0.21
CA VAL C 174 22.07 -16.43 0.37
C VAL C 174 22.13 -17.30 1.64
N PRO C 175 21.81 -16.72 2.81
CA PRO C 175 21.84 -17.54 4.05
C PRO C 175 20.98 -18.81 3.89
N GLU C 176 21.37 -19.90 4.59
CA GLU C 176 20.66 -21.19 4.46
C GLU C 176 19.22 -20.98 4.91
N GLY C 177 18.26 -21.51 4.15
CA GLY C 177 16.82 -21.31 4.45
C GLY C 177 16.18 -20.10 3.74
N ASN C 178 16.98 -19.09 3.41
CA ASN C 178 16.50 -17.89 2.68
C ASN C 178 16.07 -18.21 1.24
N SER C 179 15.18 -17.40 0.68
CA SER C 179 14.80 -17.59 -0.70
C SER C 179 15.87 -16.90 -1.61
N GLU C 180 16.49 -17.71 -2.46
CA GLU C 180 17.46 -17.25 -3.47
C GLU C 180 16.80 -16.28 -4.49
N GLU C 181 15.65 -16.71 -5.06
CA GLU C 181 14.95 -15.92 -6.06
C GLU C 181 14.50 -14.62 -5.41
N ASP C 182 14.00 -14.66 -4.16
CA ASP C 182 13.61 -13.38 -3.48
C ASP C 182 14.76 -12.46 -3.25
N THR C 183 15.89 -13.03 -2.83
CA THR C 183 17.11 -12.22 -2.62
C THR C 183 17.67 -11.61 -3.90
N ARG C 184 17.78 -12.39 -4.97
CA ARG C 184 18.20 -11.89 -6.25
C ARG C 184 17.20 -10.84 -6.83
N LEU C 185 15.91 -11.13 -6.71
CA LEU C 185 14.89 -10.19 -7.22
C LEU C 185 15.06 -8.83 -6.56
N PHE C 186 15.29 -8.79 -5.25
CA PHE C 186 15.44 -7.52 -4.53
C PHE C 186 16.72 -6.80 -4.95
N ALA C 187 17.83 -7.54 -5.02
CA ALA C 187 19.07 -6.87 -5.43
C ALA C 187 19.03 -6.35 -6.85
N ASP C 188 18.55 -7.19 -7.77
CA ASP C 188 18.44 -6.78 -9.15
C ASP C 188 17.67 -5.47 -9.30
N THR C 189 16.57 -5.39 -8.53
CA THR C 189 15.58 -4.32 -8.65
C THR C 189 16.25 -3.07 -8.15
N VAL C 190 16.98 -3.18 -7.02
CA VAL C 190 17.60 -1.98 -6.44
C VAL C 190 18.66 -1.45 -7.43
N ILE C 191 19.45 -2.38 -7.99
CA ILE C 191 20.58 -1.96 -8.86
C ILE C 191 19.98 -1.34 -10.14
N ARG C 192 18.97 -1.99 -10.71
CA ARG C 192 18.29 -1.44 -11.87
C ARG C 192 17.75 0.00 -11.58
N LEU C 193 17.08 0.21 -10.45
CA LEU C 193 16.57 1.54 -10.13
C LEU C 193 17.75 2.52 -10.01
N ASN C 194 18.83 2.09 -9.36
CA ASN C 194 20.04 2.95 -9.18
C ASN C 194 20.64 3.26 -10.57
N LEU C 195 20.70 2.28 -11.46
CA LEU C 195 21.29 2.58 -12.77
C LEU C 195 20.40 3.50 -13.58
N GLN C 196 19.10 3.38 -13.41
CA GLN C 196 18.19 4.27 -14.13
C GLN C 196 18.31 5.68 -13.60
N LYS C 197 18.46 5.80 -12.27
CA LYS C 197 18.52 7.15 -11.71
C LYS C 197 19.89 7.77 -12.15
N LEU C 198 20.94 6.95 -12.14
CA LEU C 198 22.21 7.39 -12.70
C LEU C 198 22.05 7.91 -14.15
N ALA C 199 21.33 7.14 -14.99
CA ALA C 199 21.16 7.58 -16.39
C ALA C 199 20.49 8.93 -16.45
N SER C 200 19.42 9.08 -15.66
CA SER C 200 18.67 10.33 -15.67
C SER C 200 19.51 11.53 -15.18
N ILE C 201 20.28 11.34 -14.10
CA ILE C 201 21.17 12.38 -13.54
C ILE C 201 22.27 12.80 -14.58
N THR C 202 22.85 11.79 -15.24
CA THR C 202 23.97 12.08 -16.09
C THR C 202 23.51 12.58 -17.46
N GLU C 203 22.43 12.05 -17.98
CA GLU C 203 21.82 12.63 -19.20
C GLU C 203 21.41 14.08 -19.01
N ALA C 204 20.94 14.46 -17.81
CA ALA C 204 20.62 15.87 -17.59
C ALA C 204 21.87 16.75 -17.64
N MET C 205 23.04 16.22 -17.23
CA MET C 205 24.32 16.95 -17.36
C MET C 205 24.79 17.16 -18.81
N ASN C 206 24.33 16.28 -19.68
CA ASN C 206 24.62 16.38 -21.06
C ASN C 206 23.47 17.26 -21.58
C1 A8S D . -18.31 -1.48 19.21
C2 A8S D . -17.13 -0.68 18.71
C3 A8S D . -16.10 -0.25 19.74
C4 A8S D . -15.53 -1.26 20.73
C5 A8S D . -14.52 -0.87 21.55
C6 A8S D . -15.08 0.71 19.13
C7 A8S D . -14.05 -1.86 22.62
O7 A8S D . -15.08 -2.84 22.87
C8 A8S D . -12.73 -2.55 22.24
C9 A8S D . -11.74 -1.92 22.78
C10 A8S D . -11.45 -0.90 23.45
O10 A8S D . -10.25 -0.43 23.78
C11 A8S D . -12.62 -0.25 23.80
O11 A8S D . -19.40 -1.34 18.57
C12 A8S D . -13.88 -1.07 23.94
O12 A8S D . -18.15 -2.35 20.11
C13 A8S D . -12.78 -3.82 21.42
C14 A8S D . -13.68 -1.95 25.20
C15 A8S D . -15.13 -0.19 24.25
C1 A8S E . -0.10 -1.73 -4.76
C2 A8S E . 0.66 -0.54 -4.27
C3 A8S E . 1.30 -0.42 -2.93
C4 A8S E . 1.81 -1.65 -2.20
C5 A8S E . 2.55 -1.71 -1.09
C6 A8S E . 2.18 0.80 -2.76
C7 A8S E . 2.81 -3.05 -0.42
O7 A8S E . 2.13 -4.14 -1.05
C8 A8S E . 4.31 -3.34 -0.49
C9 A8S E . 4.85 -2.88 0.59
C10 A8S E . 4.57 -2.30 1.68
O10 A8S E . 5.41 -1.97 2.60
C11 A8S E . 3.21 -2.05 1.81
O11 A8S E . -1.00 -1.47 -5.60
C12 A8S E . 2.25 -3.01 1.04
O12 A8S E . 0.13 -2.91 -4.38
C13 A8S E . 4.84 -4.13 -1.66
C14 A8S E . 2.33 -4.39 1.72
C15 A8S E . 0.72 -2.52 1.03
C1 A8S F . 23.58 -0.89 -4.09
C2 A8S F . 22.80 -2.19 -4.29
C3 A8S F . 22.15 -2.81 -3.07
C4 A8S F . 21.58 -1.92 -1.98
C5 A8S F . 20.82 -2.43 -0.94
C6 A8S F . 21.43 -4.15 -3.39
C7 A8S F . 20.37 -1.44 0.17
O7 A8S F . 20.97 -0.15 0.04
C8 A8S F . 18.89 -1.16 0.10
C9 A8S F . 18.34 -1.97 0.90
C10 A8S F . 18.57 -2.88 1.78
O10 A8S F . 17.67 -3.54 2.47
C11 A8S F . 19.94 -3.13 1.95
O11 A8S F . 24.62 -0.70 -4.82
C12 A8S F . 20.82 -1.95 1.55
O12 A8S F . 23.19 -0.07 -3.22
C13 A8S F . 18.34 -0.08 -0.82
C14 A8S F . 20.62 -0.94 2.72
C15 A8S F . 22.32 -2.30 1.47
#